data_6S0D
#
_entry.id   6S0D
#
_cell.length_a   82.480
_cell.length_b   82.480
_cell.length_c   135.220
_cell.angle_alpha   90.000
_cell.angle_beta   90.000
_cell.angle_gamma   90.000
#
_symmetry.space_group_name_H-M   'P 41 21 2'
#
loop_
_entity.id
_entity.type
_entity.pdbx_description
1 polymer 'Superoxide dismutase [Mn] 2, mitochondrial'
2 non-polymer 'MANGANESE (II) ION'
3 non-polymer 'SULFATE ION'
4 water water
#
_entity_poly.entity_id   1
_entity_poly.type   'polypeptide(L)'
_entity_poly.pdbx_seq_one_letter_code
;MKHTLPDLPFDYADLEPVISHEIMQLHHQKNHATYVNNLNQIEEKLHEAVSKGNLKEAIALQPALKFNGGGHINHSIFWT
NLAKDGGEPSKELMDTIKRDFGSLDNLQKRLSDITIAVQGSGWGWLGY(CSO)KKDKILKIATCANQDPLEGMVPLFGID
VWEHAYYLQYKNVRPDYVHAIWKIANWKNISERFANARQ
;
_entity_poly.pdbx_strand_id   A,C
#
loop_
_chem_comp.id
_chem_comp.type
_chem_comp.name
_chem_comp.formula
MN non-polymer 'MANGANESE (II) ION' 'Mn 2'
SO4 non-polymer 'SULFATE ION' 'O4 S -2'
#
# COMPACT_ATOMS: atom_id res chain seq x y z
N LYS A 2 -4.23 -1.08 -24.41
CA LYS A 2 -4.68 -0.89 -22.99
C LYS A 2 -5.64 -2.02 -22.51
N HIS A 3 -5.94 -2.03 -21.22
CA HIS A 3 -6.86 -3.03 -20.66
C HIS A 3 -8.25 -2.83 -21.18
N THR A 4 -8.99 -3.93 -21.30
CA THR A 4 -10.35 -3.90 -21.82
C THR A 4 -11.34 -4.60 -20.89
N LEU A 5 -12.58 -4.12 -20.96
CA LEU A 5 -13.68 -4.75 -20.23
C LEU A 5 -14.02 -6.07 -20.94
N PRO A 6 -13.86 -7.22 -20.24
CA PRO A 6 -14.21 -8.49 -20.89
C PRO A 6 -15.70 -8.65 -21.00
N ASP A 7 -16.21 -9.23 -22.09
CA ASP A 7 -17.61 -9.58 -22.16
C ASP A 7 -17.96 -10.60 -21.09
N LEU A 8 -19.18 -10.51 -20.51
CA LEU A 8 -19.70 -11.56 -19.65
C LEU A 8 -19.86 -12.88 -20.42
N PRO A 9 -19.67 -14.04 -19.75
CA PRO A 9 -19.94 -15.33 -20.42
C PRO A 9 -21.42 -15.74 -20.47
N PHE A 10 -22.31 -14.81 -20.14
CA PHE A 10 -23.74 -15.06 -20.13
C PHE A 10 -24.44 -13.73 -20.31
N ASP A 11 -25.77 -13.77 -20.49
CA ASP A 11 -26.57 -12.53 -20.64
C ASP A 11 -26.95 -11.96 -19.28
N TYR A 12 -27.27 -10.67 -19.25
CA TYR A 12 -27.41 -9.94 -17.98
C TYR A 12 -28.49 -10.53 -17.06
N ALA A 13 -29.54 -11.13 -17.61
CA ALA A 13 -30.59 -11.75 -16.77
C ALA A 13 -30.38 -13.22 -16.42
N ASP A 14 -29.27 -13.82 -16.86
CA ASP A 14 -29.13 -15.30 -16.76
C ASP A 14 -28.91 -15.83 -15.34
N LEU A 15 -28.60 -14.95 -14.39
CA LEU A 15 -28.38 -15.38 -12.99
C LEU A 15 -29.59 -15.13 -12.08
N GLU A 16 -30.69 -14.63 -12.65
CA GLU A 16 -31.92 -14.52 -11.91
C GLU A 16 -32.37 -15.93 -11.51
N PRO A 17 -32.90 -16.10 -10.31
CA PRO A 17 -33.35 -15.09 -9.32
C PRO A 17 -32.31 -14.74 -8.27
N VAL A 18 -31.08 -15.17 -8.46
CA VAL A 18 -30.06 -14.94 -7.42
C VAL A 18 -29.46 -13.56 -7.52
N ILE A 19 -29.14 -13.14 -8.74
CA ILE A 19 -28.68 -11.79 -8.98
C ILE A 19 -29.47 -11.19 -10.13
N SER A 20 -30.00 -9.98 -9.94
CA SER A 20 -30.90 -9.38 -10.89
C SER A 20 -30.20 -8.85 -12.15
N HIS A 21 -31.01 -8.70 -13.19
CA HIS A 21 -30.59 -8.03 -14.42
C HIS A 21 -29.95 -6.67 -14.17
N GLU A 22 -30.64 -5.78 -13.42
CA GLU A 22 -30.10 -4.41 -13.23
C GLU A 22 -28.77 -4.48 -12.49
N ILE A 23 -28.66 -5.36 -11.49
CA ILE A 23 -27.39 -5.46 -10.76
C ILE A 23 -26.28 -5.89 -11.71
N MET A 24 -26.54 -6.92 -12.51
CA MET A 24 -25.50 -7.43 -13.44
C MET A 24 -25.11 -6.37 -14.48
N GLN A 25 -26.11 -5.65 -14.99
CA GLN A 25 -25.87 -4.66 -16.03
C GLN A 25 -25.01 -3.51 -15.50
N LEU A 26 -25.39 -2.96 -14.35
CA LEU A 26 -24.62 -1.87 -13.75
C LEU A 26 -23.22 -2.36 -13.33
N HIS A 27 -23.18 -3.56 -12.77
CA HIS A 27 -21.94 -4.06 -12.19
C HIS A 27 -20.89 -4.22 -13.27
N HIS A 28 -21.34 -4.70 -14.44
CA HIS A 28 -20.44 -4.91 -15.56
C HIS A 28 -20.17 -3.60 -16.33
N GLN A 29 -21.24 -2.95 -16.77
CA GLN A 29 -21.11 -1.79 -17.66
C GLN A 29 -20.66 -0.51 -16.97
N LYS A 30 -20.91 -0.39 -15.66
CA LYS A 30 -20.51 0.79 -14.89
C LYS A 30 -19.36 0.52 -13.95
N ASN A 31 -19.55 -0.38 -13.00
N ASN A 31 -19.55 -0.36 -12.97
CA ASN A 31 -18.53 -0.59 -11.96
CA ASN A 31 -18.51 -0.59 -11.93
C ASN A 31 -17.24 -1.16 -12.58
C ASN A 31 -17.23 -1.17 -12.55
N HIS A 32 -17.33 -2.29 -13.26
CA HIS A 32 -16.13 -2.89 -13.83
C HIS A 32 -15.51 -1.95 -14.88
N ALA A 33 -16.32 -1.35 -15.73
CA ALA A 33 -15.83 -0.40 -16.73
C ALA A 33 -15.03 0.73 -16.12
N THR A 34 -15.52 1.28 -15.01
CA THR A 34 -14.84 2.36 -14.36
C THR A 34 -13.45 1.91 -13.85
N TYR A 35 -13.36 0.70 -13.30
CA TYR A 35 -12.04 0.24 -12.84
C TYR A 35 -11.11 0.12 -14.03
N VAL A 36 -11.62 -0.40 -15.14
CA VAL A 36 -10.78 -0.53 -16.33
C VAL A 36 -10.27 0.83 -16.83
N ASN A 37 -11.21 1.79 -16.98
CA ASN A 37 -10.88 3.14 -17.46
C ASN A 37 -9.84 3.81 -16.55
N ASN A 38 -10.08 3.76 -15.25
CA ASN A 38 -9.17 4.41 -14.31
C ASN A 38 -7.82 3.68 -14.22
N LEU A 39 -7.86 2.36 -14.33
CA LEU A 39 -6.64 1.57 -14.38
C LEU A 39 -5.73 2.01 -15.51
N ASN A 40 -6.32 2.13 -16.70
CA ASN A 40 -5.57 2.61 -17.86
C ASN A 40 -4.96 3.98 -17.62
N GLN A 41 -5.70 4.89 -17.01
CA GLN A 41 -5.18 6.24 -16.75
C GLN A 41 -4.04 6.23 -15.74
N ILE A 42 -4.21 5.46 -14.67
CA ILE A 42 -3.19 5.40 -13.63
C ILE A 42 -1.91 4.76 -14.13
N GLU A 43 -2.03 3.74 -14.98
CA GLU A 43 -0.84 3.14 -15.55
C GLU A 43 -0.06 4.17 -16.32
N GLU A 44 -0.76 5.03 -17.06
CA GLU A 44 -0.07 6.11 -17.80
C GLU A 44 0.70 7.07 -16.89
N LYS A 45 0.04 7.53 -15.84
CA LYS A 45 0.67 8.44 -14.87
C LYS A 45 1.87 7.78 -14.20
N LEU A 46 1.74 6.49 -13.88
CA LEU A 46 2.81 5.76 -13.19
C LEU A 46 4.02 5.59 -14.11
N HIS A 47 3.75 5.29 -15.38
CA HIS A 47 4.83 5.24 -16.37
C HIS A 47 5.63 6.55 -16.45
N GLU A 48 4.92 7.67 -16.48
CA GLU A 48 5.57 8.98 -16.53
C GLU A 48 6.46 9.17 -15.33
N ALA A 49 5.94 8.84 -14.13
CA ALA A 49 6.70 9.02 -12.90
C ALA A 49 7.94 8.12 -12.89
N VAL A 50 7.77 6.86 -13.27
CA VAL A 50 8.88 5.92 -13.29
C VAL A 50 9.93 6.37 -14.32
N SER A 51 9.48 6.69 -15.53
CA SER A 51 10.41 7.02 -16.61
C SER A 51 11.19 8.33 -16.35
N LYS A 52 10.59 9.26 -15.61
CA LYS A 52 11.23 10.53 -15.27
C LYS A 52 11.99 10.52 -13.94
N GLY A 53 11.97 9.40 -13.22
CA GLY A 53 12.66 9.25 -11.94
C GLY A 53 11.96 9.87 -10.74
N ASN A 54 10.66 10.11 -10.85
CA ASN A 54 9.88 10.70 -9.75
C ASN A 54 9.38 9.60 -8.82
N LEU A 55 10.27 9.13 -7.97
CA LEU A 55 9.99 8.00 -7.10
C LEU A 55 8.86 8.29 -6.10
N LYS A 56 8.86 9.48 -5.52
CA LYS A 56 7.85 9.82 -4.52
C LYS A 56 6.47 9.78 -5.17
N GLU A 57 6.39 10.30 -6.39
CA GLU A 57 5.10 10.31 -7.09
C GLU A 57 4.67 8.90 -7.49
N ALA A 58 5.62 8.07 -7.89
CA ALA A 58 5.31 6.69 -8.23
C ALA A 58 4.70 5.96 -7.02
N ILE A 59 5.29 6.14 -5.86
CA ILE A 59 4.79 5.55 -4.64
C ILE A 59 3.37 6.09 -4.32
N ALA A 60 3.20 7.40 -4.47
CA ALA A 60 1.89 8.01 -4.19
C ALA A 60 0.78 7.47 -5.09
N LEU A 61 1.13 6.96 -6.26
CA LEU A 61 0.15 6.43 -7.20
C LEU A 61 -0.22 4.97 -6.93
N GLN A 62 0.49 4.32 -6.01
CA GLN A 62 0.25 2.90 -5.77
C GLN A 62 -1.16 2.56 -5.31
N PRO A 63 -1.73 3.33 -4.37
CA PRO A 63 -3.07 2.95 -3.96
C PRO A 63 -4.09 2.95 -5.08
N ALA A 64 -3.96 3.88 -6.03
CA ALA A 64 -4.92 3.92 -7.13
C ALA A 64 -4.72 2.76 -8.07
N LEU A 65 -3.47 2.33 -8.28
CA LEU A 65 -3.21 1.12 -9.09
C LEU A 65 -3.75 -0.13 -8.40
N LYS A 66 -3.52 -0.27 -7.10
CA LYS A 66 -4.01 -1.44 -6.38
C LYS A 66 -5.55 -1.49 -6.45
N PHE A 67 -6.19 -0.34 -6.27
CA PHE A 67 -7.65 -0.30 -6.25
C PHE A 67 -8.28 -0.61 -7.61
N ASN A 68 -7.84 0.09 -8.66
CA ASN A 68 -8.44 -0.10 -9.95
C ASN A 68 -7.94 -1.40 -10.61
N GLY A 69 -6.66 -1.70 -10.45
CA GLY A 69 -6.07 -2.94 -10.93
C GLY A 69 -6.69 -4.14 -10.26
N GLY A 70 -6.81 -4.06 -8.95
CA GLY A 70 -7.50 -5.06 -8.21
C GLY A 70 -8.96 -5.19 -8.64
N GLY A 71 -9.62 -4.07 -8.87
CA GLY A 71 -11.00 -4.13 -9.33
C GLY A 71 -11.09 -4.91 -10.64
N HIS A 72 -10.16 -4.66 -11.56
CA HIS A 72 -10.19 -5.36 -12.85
C HIS A 72 -9.91 -6.87 -12.64
N ILE A 73 -8.90 -7.19 -11.85
CA ILE A 73 -8.55 -8.58 -11.56
C ILE A 73 -9.74 -9.31 -10.97
N ASN A 74 -10.33 -8.71 -9.94
CA ASN A 74 -11.33 -9.41 -9.14
C ASN A 74 -12.61 -9.63 -9.92
N HIS A 75 -13.08 -8.58 -10.63
CA HIS A 75 -14.30 -8.74 -11.42
C HIS A 75 -14.13 -9.69 -12.61
N SER A 76 -12.96 -9.65 -13.23
CA SER A 76 -12.67 -10.55 -14.33
C SER A 76 -12.83 -12.03 -13.89
N ILE A 77 -12.31 -12.37 -12.71
CA ILE A 77 -12.48 -13.71 -12.14
C ILE A 77 -13.93 -13.97 -11.77
N PHE A 78 -14.56 -12.99 -11.14
CA PHE A 78 -15.94 -13.15 -10.68
C PHE A 78 -16.91 -13.57 -11.79
N TRP A 79 -16.83 -12.92 -12.96
CA TRP A 79 -17.78 -13.24 -14.03
C TRP A 79 -17.64 -14.68 -14.47
N THR A 80 -16.41 -15.21 -14.44
CA THR A 80 -16.20 -16.63 -14.81
C THR A 80 -16.66 -17.62 -13.73
N ASN A 81 -16.82 -17.12 -12.50
CA ASN A 81 -17.16 -17.92 -11.35
C ASN A 81 -18.68 -18.12 -11.17
N LEU A 82 -19.48 -17.51 -12.05
CA LEU A 82 -20.95 -17.55 -11.91
C LEU A 82 -21.54 -18.19 -13.15
N ALA A 83 -22.58 -18.99 -12.93
CA ALA A 83 -23.27 -19.64 -14.02
C ALA A 83 -24.65 -20.00 -13.61
N LYS A 84 -25.54 -19.95 -14.59
CA LYS A 84 -26.88 -20.44 -14.45
C LYS A 84 -26.94 -21.95 -14.15
N ASP A 85 -26.13 -22.72 -14.87
CA ASP A 85 -25.97 -24.14 -14.59
C ASP A 85 -24.48 -24.49 -14.56
N GLY A 86 -23.89 -24.35 -13.38
CA GLY A 86 -22.46 -24.55 -13.19
C GLY A 86 -22.03 -25.95 -12.77
N GLY A 87 -22.98 -26.87 -12.59
CA GLY A 87 -22.65 -28.23 -12.18
C GLY A 87 -22.22 -28.35 -10.73
N GLU A 88 -21.42 -29.39 -10.49
CA GLU A 88 -20.96 -29.68 -9.14
C GLU A 88 -19.44 -29.70 -9.19
N PRO A 89 -18.77 -29.67 -7.99
CA PRO A 89 -17.33 -29.76 -8.03
C PRO A 89 -16.86 -31.04 -8.74
N SER A 90 -15.73 -30.98 -9.44
CA SER A 90 -15.10 -32.19 -9.96
C SER A 90 -14.80 -33.11 -8.80
N LYS A 91 -14.49 -34.37 -9.11
CA LYS A 91 -14.24 -35.34 -8.06
C LYS A 91 -12.99 -34.96 -7.28
N GLU A 92 -11.95 -34.52 -7.98
CA GLU A 92 -10.69 -34.13 -7.35
C GLU A 92 -10.82 -32.92 -6.41
N LEU A 93 -11.70 -31.99 -6.76
CA LEU A 93 -11.90 -30.81 -5.91
C LEU A 93 -12.73 -31.18 -4.69
N MET A 94 -13.77 -31.98 -4.90
CA MET A 94 -14.59 -32.44 -3.79
C MET A 94 -13.78 -33.16 -2.73
N ASP A 95 -12.88 -34.05 -3.18
CA ASP A 95 -12.04 -34.83 -2.29
C ASP A 95 -11.16 -33.90 -1.45
N THR A 96 -10.65 -32.85 -2.10
CA THR A 96 -9.79 -31.90 -1.44
C THR A 96 -10.58 -31.02 -0.46
N ILE A 97 -11.79 -30.64 -0.84
CA ILE A 97 -12.68 -29.87 0.05
C ILE A 97 -12.98 -30.68 1.31
N LYS A 98 -13.25 -31.96 1.11
CA LYS A 98 -13.51 -32.88 2.23
C LYS A 98 -12.30 -33.03 3.13
N ARG A 99 -11.04 -33.13 2.50
CA ARG A 99 -9.80 -33.23 3.30
C ARG A 99 -9.56 -31.96 4.11
N ASP A 100 -9.81 -30.80 3.49
CA ASP A 100 -9.35 -29.56 4.08
C ASP A 100 -10.42 -28.88 4.92
N PHE A 101 -11.69 -29.21 4.65
CA PHE A 101 -12.83 -28.63 5.38
C PHE A 101 -13.83 -29.65 5.97
N GLY A 102 -13.59 -30.95 5.80
CA GLY A 102 -14.57 -31.97 6.21
C GLY A 102 -15.65 -32.26 5.17
N SER A 103 -16.29 -31.21 4.67
CA SER A 103 -17.40 -31.33 3.72
C SER A 103 -17.60 -30.02 2.99
N LEU A 104 -18.28 -30.09 1.84
CA LEU A 104 -18.71 -28.89 1.15
C LEU A 104 -19.61 -27.99 2.01
N ASP A 105 -20.59 -28.60 2.70
CA ASP A 105 -21.40 -27.87 3.66
C ASP A 105 -20.56 -27.01 4.59
N ASN A 106 -19.51 -27.59 5.20
CA ASN A 106 -18.67 -26.86 6.15
C ASN A 106 -17.90 -25.74 5.43
N LEU A 107 -17.43 -26.03 4.21
CA LEU A 107 -16.70 -24.99 3.47
C LEU A 107 -17.62 -23.82 3.20
N GLN A 108 -18.84 -24.11 2.72
CA GLN A 108 -19.84 -23.07 2.40
C GLN A 108 -20.17 -22.24 3.62
N LYS A 109 -20.44 -22.90 4.73
CA LYS A 109 -20.69 -22.19 5.96
C LYS A 109 -19.50 -21.33 6.39
N ARG A 110 -18.28 -21.89 6.37
CA ARG A 110 -17.14 -21.11 6.87
C ARG A 110 -16.82 -19.90 5.99
N LEU A 111 -16.85 -20.09 4.67
CA LEU A 111 -16.57 -19.00 3.76
C LEU A 111 -17.72 -18.02 3.79
N SER A 112 -18.98 -18.51 3.76
CA SER A 112 -20.07 -17.55 3.90
C SER A 112 -19.93 -16.71 5.16
N ASP A 113 -19.59 -17.35 6.28
CA ASP A 113 -19.46 -16.61 7.53
C ASP A 113 -18.40 -15.51 7.50
N ILE A 114 -17.18 -15.82 7.06
CA ILE A 114 -16.15 -14.74 7.00
C ILE A 114 -16.51 -13.65 5.99
N THR A 115 -17.16 -14.05 4.91
CA THR A 115 -17.59 -13.10 3.86
C THR A 115 -18.65 -12.14 4.39
N ILE A 116 -19.63 -12.70 5.07
CA ILE A 116 -20.69 -11.90 5.71
C ILE A 116 -20.12 -10.91 6.74
N ALA A 117 -19.07 -11.35 7.45
CA ALA A 117 -18.46 -10.57 8.51
C ALA A 117 -17.57 -9.42 8.04
N VAL A 118 -17.28 -9.31 6.74
CA VAL A 118 -16.43 -8.22 6.24
C VAL A 118 -17.05 -6.88 6.67
N GLN A 119 -16.23 -6.01 7.24
CA GLN A 119 -16.65 -4.70 7.67
C GLN A 119 -16.31 -3.73 6.59
N GLY A 120 -17.36 -3.17 5.97
CA GLY A 120 -17.16 -2.29 4.82
C GLY A 120 -17.18 -3.09 3.52
N SER A 121 -16.44 -2.61 2.53
CA SER A 121 -16.43 -3.22 1.20
C SER A 121 -15.34 -4.30 1.11
N GLY A 122 -15.59 -5.35 0.34
CA GLY A 122 -14.56 -6.37 0.12
C GLY A 122 -15.12 -7.61 -0.55
N TRP A 123 -14.33 -8.67 -0.43
CA TRP A 123 -14.51 -9.92 -1.12
C TRP A 123 -14.19 -11.07 -0.18
N GLY A 124 -14.92 -12.17 -0.38
CA GLY A 124 -14.53 -13.48 0.18
C GLY A 124 -13.97 -14.36 -0.91
N TRP A 125 -12.99 -15.20 -0.54
CA TRP A 125 -12.34 -16.11 -1.51
C TRP A 125 -12.13 -17.51 -0.96
N LEU A 126 -12.35 -18.46 -1.85
CA LEU A 126 -11.74 -19.78 -1.77
C LEU A 126 -10.53 -19.77 -2.68
N GLY A 127 -9.39 -20.17 -2.11
CA GLY A 127 -8.13 -20.22 -2.84
C GLY A 127 -7.38 -21.50 -2.61
N TYR A 128 -6.33 -21.70 -3.39
CA TYR A 128 -5.50 -22.90 -3.22
C TYR A 128 -4.06 -22.46 -3.05
N CSO A 129 -3.44 -22.86 -1.94
CA CSO A 129 -2.06 -22.51 -1.59
CB CSO A 129 -1.95 -22.34 -0.08
SG CSO A 129 -0.32 -21.98 0.52
C CSO A 129 -1.16 -23.61 -2.11
O CSO A 129 -1.19 -24.74 -1.60
OD CSO A 129 0.17 -20.50 -0.23
N LYS A 130 -0.35 -23.27 -3.11
CA LYS A 130 0.56 -24.24 -3.74
C LYS A 130 1.68 -24.71 -2.80
N LYS A 131 2.14 -23.84 -1.91
CA LYS A 131 3.26 -24.14 -1.03
C LYS A 131 2.83 -25.18 0.01
N ASP A 132 1.74 -24.90 0.70
CA ASP A 132 1.21 -25.79 1.73
C ASP A 132 0.32 -26.92 1.14
N LYS A 133 0.09 -26.89 -0.18
CA LYS A 133 -0.80 -27.83 -0.89
C LYS A 133 -2.20 -28.01 -0.26
N ILE A 134 -2.80 -26.88 0.15
CA ILE A 134 -4.04 -26.87 0.95
C ILE A 134 -5.02 -25.81 0.41
N LEU A 135 -6.33 -26.09 0.50
CA LEU A 135 -7.36 -25.07 0.24
C LEU A 135 -7.46 -24.17 1.43
N LYS A 136 -7.68 -22.88 1.17
CA LYS A 136 -7.79 -21.90 2.24
C LYS A 136 -8.93 -20.99 1.90
N ILE A 137 -9.46 -20.34 2.93
CA ILE A 137 -10.45 -19.28 2.72
C ILE A 137 -9.91 -18.01 3.30
N ALA A 138 -10.29 -16.88 2.69
CA ALA A 138 -9.81 -15.60 3.11
C ALA A 138 -10.78 -14.53 2.67
N THR A 139 -10.59 -13.35 3.24
CA THR A 139 -11.27 -12.17 2.78
C THR A 139 -10.24 -11.12 2.38
N CYS A 140 -10.69 -10.19 1.53
CA CYS A 140 -9.90 -9.03 1.11
C CYS A 140 -10.73 -7.78 1.26
N ALA A 141 -10.07 -6.69 1.67
CA ALA A 141 -10.69 -5.39 1.79
C ALA A 141 -10.74 -4.70 0.46
N ASN A 142 -11.82 -3.95 0.24
CA ASN A 142 -11.94 -3.08 -0.92
C ASN A 142 -11.73 -3.84 -2.22
N GLN A 143 -10.76 -3.46 -3.07
CA GLN A 143 -10.45 -4.24 -4.26
C GLN A 143 -9.09 -4.91 -4.14
N ASP A 144 -8.53 -5.06 -2.94
CA ASP A 144 -7.20 -5.69 -2.81
C ASP A 144 -7.31 -7.09 -3.43
N PRO A 145 -6.40 -7.43 -4.37
CA PRO A 145 -6.47 -8.78 -4.92
C PRO A 145 -6.07 -9.83 -3.92
N LEU A 146 -6.59 -11.03 -4.12
CA LEU A 146 -6.21 -12.18 -3.29
C LEU A 146 -4.73 -12.47 -3.57
N GLU A 147 -3.94 -12.49 -2.52
CA GLU A 147 -2.48 -12.74 -2.61
C GLU A 147 -2.12 -13.98 -1.74
N GLY A 148 -1.03 -14.65 -2.06
CA GLY A 148 -0.55 -15.79 -1.25
C GLY A 148 -1.23 -17.13 -1.52
N MET A 149 -2.22 -17.14 -2.40
CA MET A 149 -2.86 -18.35 -2.86
C MET A 149 -3.49 -18.03 -4.21
N VAL A 150 -3.81 -19.09 -4.94
CA VAL A 150 -4.44 -18.97 -6.25
C VAL A 150 -5.94 -18.82 -6.05
N PRO A 151 -6.56 -17.76 -6.66
CA PRO A 151 -8.02 -17.62 -6.47
C PRO A 151 -8.82 -18.70 -7.19
N LEU A 152 -9.78 -19.32 -6.51
CA LEU A 152 -10.67 -20.31 -7.11
C LEU A 152 -12.13 -19.82 -7.25
N PHE A 153 -12.68 -19.26 -6.18
CA PHE A 153 -14.04 -18.75 -6.21
C PHE A 153 -14.12 -17.49 -5.37
N GLY A 154 -14.62 -16.41 -5.96
CA GLY A 154 -14.76 -15.13 -5.24
C GLY A 154 -16.23 -14.75 -5.02
N ILE A 155 -16.52 -14.07 -3.91
CA ILE A 155 -17.85 -13.56 -3.60
C ILE A 155 -17.67 -12.06 -3.33
N ASP A 156 -18.20 -11.23 -4.21
CA ASP A 156 -18.14 -9.78 -4.07
C ASP A 156 -19.18 -9.32 -3.07
N VAL A 157 -18.74 -8.71 -1.96
CA VAL A 157 -19.68 -8.17 -0.99
C VAL A 157 -19.62 -6.67 -0.83
N TRP A 158 -19.11 -5.97 -1.83
CA TRP A 158 -19.47 -4.59 -1.96
C TRP A 158 -20.99 -4.47 -2.02
N GLU A 159 -21.52 -3.42 -1.40
CA GLU A 159 -22.96 -3.24 -1.41
C GLU A 159 -23.53 -3.15 -2.82
N HIS A 160 -22.78 -2.62 -3.79
CA HIS A 160 -23.27 -2.57 -5.17
C HIS A 160 -23.57 -3.95 -5.77
N ALA A 161 -22.98 -4.99 -5.21
CA ALA A 161 -23.18 -6.35 -5.69
C ALA A 161 -24.55 -6.89 -5.36
N TYR A 162 -25.21 -6.34 -4.33
CA TYR A 162 -26.44 -6.92 -3.83
C TYR A 162 -27.57 -5.93 -3.51
N TYR A 163 -27.25 -4.66 -3.23
CA TYR A 163 -28.22 -3.78 -2.53
C TYR A 163 -29.53 -3.59 -3.31
N LEU A 164 -29.48 -3.45 -4.64
CA LEU A 164 -30.71 -3.16 -5.38
C LEU A 164 -31.76 -4.24 -5.18
N GLN A 165 -31.28 -5.48 -4.97
CA GLN A 165 -32.16 -6.63 -4.81
C GLN A 165 -32.41 -7.05 -3.37
N TYR A 166 -31.33 -7.19 -2.61
CA TYR A 166 -31.34 -7.69 -1.28
C TYR A 166 -31.40 -6.59 -0.21
N LYS A 167 -31.22 -5.34 -0.64
CA LYS A 167 -31.15 -4.21 0.30
C LYS A 167 -30.02 -4.51 1.32
N ASN A 168 -30.26 -4.28 2.60
CA ASN A 168 -29.29 -4.50 3.64
C ASN A 168 -28.91 -5.94 3.93
N VAL A 169 -29.66 -6.89 3.35
CA VAL A 169 -29.60 -8.27 3.82
C VAL A 169 -28.50 -9.05 3.08
N ARG A 170 -27.26 -8.66 3.34
CA ARG A 170 -26.10 -9.31 2.77
C ARG A 170 -26.09 -10.84 2.99
N PRO A 171 -26.47 -11.30 4.20
CA PRO A 171 -26.42 -12.77 4.38
C PRO A 171 -27.24 -13.55 3.38
N ASP A 172 -28.41 -13.02 3.00
CA ASP A 172 -29.24 -13.76 2.05
C ASP A 172 -28.52 -13.88 0.70
N TYR A 173 -27.82 -12.83 0.30
CA TYR A 173 -27.10 -12.83 -0.97
C TYR A 173 -25.90 -13.81 -0.92
N VAL A 174 -25.14 -13.76 0.16
CA VAL A 174 -23.98 -14.65 0.31
C VAL A 174 -24.45 -16.11 0.37
N HIS A 175 -25.52 -16.41 1.09
CA HIS A 175 -26.01 -17.80 1.13
C HIS A 175 -26.53 -18.23 -0.23
N ALA A 176 -27.18 -17.32 -0.96
CA ALA A 176 -27.78 -17.65 -2.27
C ALA A 176 -26.79 -17.83 -3.41
N ILE A 177 -25.66 -17.16 -3.32
CA ILE A 177 -24.72 -17.15 -4.46
C ILE A 177 -24.17 -18.55 -4.72
N TRP A 178 -24.15 -19.39 -3.69
CA TRP A 178 -23.72 -20.78 -3.87
C TRP A 178 -24.58 -21.53 -4.89
N LYS A 179 -25.83 -21.11 -5.08
CA LYS A 179 -26.72 -21.71 -6.08
C LYS A 179 -26.24 -21.47 -7.51
N ILE A 180 -25.43 -20.43 -7.72
CA ILE A 180 -24.94 -20.11 -9.06
C ILE A 180 -23.42 -20.17 -9.16
N ALA A 181 -22.77 -20.81 -8.20
CA ALA A 181 -21.31 -21.01 -8.29
C ALA A 181 -21.00 -21.87 -9.51
N ASN A 182 -20.08 -21.37 -10.35
CA ASN A 182 -19.72 -22.07 -11.58
C ASN A 182 -18.66 -23.11 -11.29
N TRP A 183 -19.09 -24.27 -10.82
CA TRP A 183 -18.13 -25.29 -10.36
C TRP A 183 -17.24 -25.83 -11.47
N LYS A 184 -17.71 -25.76 -12.72
CA LYS A 184 -16.88 -26.13 -13.86
C LYS A 184 -15.63 -25.25 -13.90
N ASN A 185 -15.85 -23.94 -13.81
CA ASN A 185 -14.77 -22.96 -13.76
C ASN A 185 -13.87 -23.13 -12.54
N ILE A 186 -14.48 -23.23 -11.37
CA ILE A 186 -13.74 -23.36 -10.10
C ILE A 186 -12.87 -24.61 -10.15
N SER A 187 -13.45 -25.70 -10.66
CA SER A 187 -12.71 -26.96 -10.81
C SER A 187 -11.56 -26.86 -11.80
N GLU A 188 -11.77 -26.17 -12.92
CA GLU A 188 -10.69 -25.88 -13.86
C GLU A 188 -9.57 -25.07 -13.22
N ARG A 189 -9.92 -24.04 -12.45
CA ARG A 189 -8.93 -23.23 -11.76
C ARG A 189 -8.14 -24.06 -10.75
N PHE A 190 -8.83 -24.98 -10.08
CA PHE A 190 -8.20 -25.88 -9.12
C PHE A 190 -7.18 -26.75 -9.83
N ALA A 191 -7.58 -27.30 -10.99
CA ALA A 191 -6.72 -28.23 -11.75
C ALA A 191 -5.49 -27.50 -12.25
N ASN A 192 -5.66 -26.25 -12.68
CA ASN A 192 -4.52 -25.43 -13.12
C ASN A 192 -3.61 -25.03 -11.97
N ALA A 193 -4.20 -24.79 -10.80
CA ALA A 193 -3.44 -24.43 -9.59
C ALA A 193 -2.56 -25.57 -9.07
N ARG A 194 -3.02 -26.80 -9.27
CA ARG A 194 -2.25 -28.00 -8.89
C ARG A 194 -1.03 -28.21 -9.78
N GLN A 195 -1.15 -27.90 -11.07
CA GLN A 195 0.00 -27.95 -11.97
C GLN A 195 0.92 -26.78 -11.66
N MET B 1 17.54 5.82 -14.36
CA MET B 1 18.83 5.14 -14.08
C MET B 1 18.89 4.63 -12.65
N LYS B 2 19.88 3.78 -12.38
CA LYS B 2 20.07 3.15 -11.08
C LYS B 2 20.23 4.16 -9.94
N HIS B 3 19.56 3.91 -8.81
CA HIS B 3 19.68 4.77 -7.63
C HIS B 3 21.02 4.50 -6.95
N THR B 4 21.59 5.53 -6.32
CA THR B 4 22.84 5.38 -5.60
C THR B 4 22.78 5.98 -4.21
N LEU B 5 23.64 5.47 -3.35
CA LEU B 5 23.80 6.01 -2.01
C LEU B 5 24.50 7.38 -2.05
N PRO B 6 23.80 8.46 -1.62
CA PRO B 6 24.43 9.77 -1.65
C PRO B 6 25.49 9.89 -0.55
N ASP B 7 26.61 10.53 -0.87
CA ASP B 7 27.62 10.83 0.15
C ASP B 7 26.93 11.70 1.17
N LEU B 8 27.33 11.56 2.44
CA LEU B 8 26.89 12.51 3.46
C LEU B 8 27.59 13.84 3.19
N PRO B 9 26.98 14.97 3.63
CA PRO B 9 27.61 16.28 3.48
C PRO B 9 28.64 16.58 4.59
N PHE B 10 28.93 15.59 5.45
CA PHE B 10 29.85 15.73 6.55
C PHE B 10 30.43 14.35 6.85
N ASP B 11 31.41 14.31 7.75
CA ASP B 11 32.12 13.07 8.16
C ASP B 11 31.33 12.39 9.27
N TYR B 12 31.51 11.08 9.42
CA TYR B 12 30.67 10.30 10.33
C TYR B 12 30.69 10.79 11.80
N ALA B 13 31.75 11.45 12.21
CA ALA B 13 31.87 11.91 13.60
C ALA B 13 31.49 13.38 13.86
N ASP B 14 31.12 14.11 12.80
CA ASP B 14 30.85 15.56 12.92
C ASP B 14 29.68 15.94 13.84
N LEU B 15 28.75 15.01 14.08
CA LEU B 15 27.53 15.30 14.83
C LEU B 15 27.62 14.97 16.32
N GLU B 16 28.75 14.42 16.76
CA GLU B 16 28.94 14.10 18.19
C GLU B 16 28.98 15.37 19.04
N PRO B 17 28.51 15.28 20.31
CA PRO B 17 28.02 14.10 21.01
C PRO B 17 26.51 13.82 20.82
N VAL B 18 25.83 14.56 19.93
CA VAL B 18 24.37 14.41 19.74
C VAL B 18 24.04 13.10 19.05
N ILE B 19 24.76 12.81 17.96
CA ILE B 19 24.67 11.48 17.31
C ILE B 19 26.07 10.94 17.11
N SER B 20 26.29 9.70 17.55
CA SER B 20 27.61 9.09 17.56
C SER B 20 28.13 8.72 16.17
N HIS B 21 29.46 8.65 16.02
N HIS B 21 29.45 8.64 16.01
CA HIS B 21 30.07 8.25 14.76
CA HIS B 21 30.08 8.22 14.75
C HIS B 21 29.62 6.83 14.36
C HIS B 21 29.60 6.83 14.34
N GLU B 22 29.50 5.91 15.31
CA GLU B 22 29.06 4.56 14.98
C GLU B 22 27.62 4.51 14.46
N ILE B 23 26.73 5.31 15.07
CA ILE B 23 25.37 5.36 14.56
C ILE B 23 25.34 5.89 13.15
N MET B 24 26.01 7.02 12.91
CA MET B 24 26.06 7.62 11.60
C MET B 24 26.63 6.65 10.58
N GLN B 25 27.69 5.95 10.98
CA GLN B 25 28.35 5.05 10.07
C GLN B 25 27.45 3.90 9.65
N LEU B 26 26.88 3.20 10.63
CA LEU B 26 25.95 2.10 10.35
C LEU B 26 24.74 2.59 9.60
N HIS B 27 24.26 3.77 9.99
CA HIS B 27 22.99 4.29 9.47
C HIS B 27 23.10 4.55 7.97
N HIS B 28 24.23 5.14 7.57
CA HIS B 28 24.54 5.47 6.17
C HIS B 28 24.97 4.25 5.39
N GLN B 29 25.98 3.53 5.89
CA GLN B 29 26.64 2.47 5.14
C GLN B 29 25.91 1.16 5.06
N LYS B 30 25.06 0.89 6.09
CA LYS B 30 24.29 -0.35 6.12
C LYS B 30 22.81 -0.07 5.87
N ASN B 31 22.18 0.70 6.73
N ASN B 31 22.16 0.69 6.74
CA ASN B 31 20.73 0.89 6.59
CA ASN B 31 20.70 0.91 6.63
C ASN B 31 20.34 1.55 5.26
C ASN B 31 20.30 1.57 5.30
N HIS B 32 20.83 2.75 4.98
CA HIS B 32 20.50 3.46 3.73
C HIS B 32 20.97 2.64 2.53
N ALA B 33 22.18 2.11 2.59
CA ALA B 33 22.71 1.30 1.50
C ALA B 33 21.76 0.14 1.15
N THR B 34 21.23 -0.55 2.17
CA THR B 34 20.32 -1.67 1.98
C THR B 34 19.03 -1.21 1.29
N TYR B 35 18.49 -0.06 1.69
CA TYR B 35 17.30 0.47 1.02
C TYR B 35 17.60 0.73 -0.47
N VAL B 36 18.76 1.30 -0.77
CA VAL B 36 19.13 1.61 -2.14
C VAL B 36 19.27 0.31 -2.95
N ASN B 37 19.96 -0.68 -2.41
CA ASN B 37 20.21 -1.93 -3.13
C ASN B 37 18.90 -2.67 -3.42
N ASN B 38 18.07 -2.77 -2.38
CA ASN B 38 16.76 -3.42 -2.51
C ASN B 38 15.82 -2.66 -3.43
N LEU B 39 15.83 -1.32 -3.35
CA LEU B 39 15.05 -0.47 -4.27
C LEU B 39 15.37 -0.77 -5.73
N ASN B 40 16.66 -0.82 -6.07
CA ASN B 40 17.04 -1.10 -7.46
C ASN B 40 16.48 -2.44 -7.95
N GLN B 41 16.57 -3.45 -7.10
CA GLN B 41 16.07 -4.80 -7.45
C GLN B 41 14.54 -4.80 -7.60
N ILE B 42 13.86 -4.13 -6.67
CA ILE B 42 12.40 -4.06 -6.74
C ILE B 42 11.94 -3.28 -7.99
N GLU B 43 12.62 -2.19 -8.33
CA GLU B 43 12.25 -1.45 -9.55
C GLU B 43 12.38 -2.36 -10.77
N GLU B 44 13.41 -3.19 -10.79
CA GLU B 44 13.59 -4.14 -11.92
C GLU B 44 12.43 -5.13 -12.00
N LYS B 45 12.04 -5.69 -10.87
CA LYS B 45 10.93 -6.65 -10.82
C LYS B 45 9.62 -5.99 -11.24
N LEU B 46 9.43 -4.77 -10.79
CA LEU B 46 8.22 -4.03 -11.14
C LEU B 46 8.18 -3.73 -12.63
N HIS B 47 9.33 -3.38 -13.19
CA HIS B 47 9.39 -3.06 -14.60
C HIS B 47 9.06 -4.32 -15.43
N GLU B 48 9.55 -5.46 -14.97
N GLU B 48 9.55 -5.46 -14.97
CA GLU B 48 9.23 -6.75 -15.61
CA GLU B 48 9.24 -6.73 -15.60
C GLU B 48 7.73 -7.05 -15.52
C GLU B 48 7.73 -7.04 -15.52
N ALA B 49 7.12 -6.87 -14.34
CA ALA B 49 5.69 -7.15 -14.17
C ALA B 49 4.83 -6.25 -15.05
N VAL B 50 5.18 -4.97 -15.10
CA VAL B 50 4.47 -4.01 -15.96
C VAL B 50 4.62 -4.43 -17.41
N SER B 51 5.85 -4.74 -17.83
CA SER B 51 6.09 -5.04 -19.22
C SER B 51 5.40 -6.35 -19.68
N LYS B 52 5.33 -7.35 -18.79
CA LYS B 52 4.63 -8.59 -19.07
C LYS B 52 3.12 -8.51 -18.97
N GLY B 53 2.59 -7.43 -18.36
CA GLY B 53 1.16 -7.32 -18.11
C GLY B 53 0.69 -8.17 -16.94
N ASN B 54 1.61 -8.45 -16.00
CA ASN B 54 1.34 -9.18 -14.77
C ASN B 54 0.87 -8.23 -13.67
N LEU B 55 -0.39 -7.87 -13.75
CA LEU B 55 -0.93 -6.82 -12.92
C LEU B 55 -0.94 -7.23 -11.43
N LYS B 56 -1.34 -8.48 -11.14
CA LYS B 56 -1.32 -8.96 -9.76
C LYS B 56 0.09 -8.87 -9.18
N GLU B 57 1.08 -9.33 -9.95
CA GLU B 57 2.48 -9.29 -9.50
C GLU B 57 2.95 -7.86 -9.30
N ALA B 58 2.55 -6.92 -10.18
CA ALA B 58 2.93 -5.53 -10.01
C ALA B 58 2.37 -4.98 -8.69
N ILE B 59 1.11 -5.28 -8.42
CA ILE B 59 0.48 -4.80 -7.18
C ILE B 59 1.17 -5.41 -5.95
N ALA B 60 1.52 -6.69 -6.03
CA ALA B 60 2.17 -7.36 -4.91
C ALA B 60 3.53 -6.79 -4.54
N LEU B 61 4.20 -6.15 -5.50
CA LEU B 61 5.51 -5.53 -5.28
C LEU B 61 5.43 -4.15 -4.63
N GLN B 62 4.22 -3.60 -4.51
CA GLN B 62 4.08 -2.22 -4.02
C GLN B 62 4.62 -1.99 -2.60
N PRO B 63 4.31 -2.89 -1.65
CA PRO B 63 4.86 -2.66 -0.31
C PRO B 63 6.37 -2.57 -0.28
N ALA B 64 7.06 -3.40 -1.06
CA ALA B 64 8.52 -3.37 -1.08
C ALA B 64 9.05 -2.08 -1.73
N LEU B 65 8.37 -1.58 -2.77
CA LEU B 65 8.78 -0.31 -3.37
C LEU B 65 8.56 0.85 -2.40
N LYS B 66 7.40 0.89 -1.74
CA LYS B 66 7.14 1.95 -0.78
C LYS B 66 8.16 1.94 0.37
N PHE B 67 8.48 0.76 0.89
CA PHE B 67 9.38 0.61 2.02
C PHE B 67 10.83 1.00 1.63
N ASN B 68 11.35 0.38 0.57
CA ASN B 68 12.72 0.68 0.16
C ASN B 68 12.89 2.07 -0.50
N GLY B 69 11.93 2.43 -1.36
CA GLY B 69 11.92 3.73 -1.99
C GLY B 69 11.74 4.80 -0.94
N GLY B 70 10.79 4.61 -0.04
CA GLY B 70 10.61 5.56 1.04
C GLY B 70 11.87 5.65 1.89
N GLY B 71 12.49 4.52 2.16
CA GLY B 71 13.72 4.53 2.93
C GLY B 71 14.77 5.43 2.26
N HIS B 72 14.89 5.30 0.93
CA HIS B 72 15.84 6.11 0.18
C HIS B 72 15.50 7.61 0.23
N ILE B 73 14.24 7.91 -0.02
CA ILE B 73 13.73 9.27 0.02
C ILE B 73 13.99 9.92 1.38
N ASN B 74 13.60 9.22 2.43
CA ASN B 74 13.59 9.78 3.77
C ASN B 74 15.00 10.04 4.24
N HIS B 75 15.87 9.05 4.11
CA HIS B 75 17.22 9.21 4.58
C HIS B 75 18.01 10.21 3.73
N SER B 76 17.77 10.25 2.43
CA SER B 76 18.44 11.24 1.58
C SER B 76 18.12 12.67 2.06
N ILE B 77 16.88 12.91 2.47
CA ILE B 77 16.50 14.21 3.01
C ILE B 77 17.16 14.41 4.37
N PHE B 78 17.14 13.36 5.19
CA PHE B 78 17.60 13.43 6.57
C PHE B 78 19.07 13.87 6.65
N TRP B 79 19.91 13.39 5.74
CA TRP B 79 21.32 13.85 5.71
C TRP B 79 21.48 15.34 5.42
N THR B 80 20.66 15.90 4.54
CA THR B 80 20.72 17.33 4.23
C THR B 80 20.15 18.20 5.37
N ASN B 81 19.42 17.56 6.28
CA ASN B 81 18.73 18.22 7.41
C ASN B 81 19.58 18.34 8.67
N LEU B 82 20.78 17.78 8.65
CA LEU B 82 21.66 17.71 9.83
C LEU B 82 22.97 18.45 9.61
N ALA B 83 23.39 19.20 10.63
CA ALA B 83 24.65 19.91 10.59
C ALA B 83 25.13 20.30 11.98
N LYS B 84 26.44 20.27 12.17
CA LYS B 84 27.03 20.77 13.41
C LYS B 84 26.85 22.29 13.54
N ASP B 85 26.97 22.98 12.43
CA ASP B 85 26.81 24.41 12.37
C ASP B 85 25.48 24.68 11.66
N GLY B 86 24.39 24.49 12.38
CA GLY B 86 23.04 24.59 11.79
C GLY B 86 22.74 25.96 11.19
N GLY B 87 23.04 27.01 11.94
CA GLY B 87 22.62 28.35 11.57
C GLY B 87 21.21 28.56 12.09
N GLU B 88 20.46 29.45 11.43
CA GLU B 88 19.14 29.82 11.94
C GLU B 88 18.12 29.90 10.81
N PRO B 89 16.83 29.73 11.16
CA PRO B 89 15.80 29.88 10.13
C PRO B 89 15.89 31.23 9.45
N SER B 90 15.72 31.27 8.13
CA SER B 90 15.58 32.53 7.41
C SER B 90 14.49 33.39 8.05
N LYS B 91 14.52 34.69 7.76
CA LYS B 91 13.47 35.59 8.21
C LYS B 91 12.08 35.09 7.85
N GLU B 92 11.88 34.77 6.57
CA GLU B 92 10.56 34.39 6.07
C GLU B 92 10.06 33.09 6.69
N LEU B 93 10.99 32.16 6.98
CA LEU B 93 10.65 30.89 7.63
C LEU B 93 10.33 31.12 9.10
N MET B 94 11.16 31.88 9.80
CA MET B 94 10.87 32.22 11.21
C MET B 94 9.51 32.92 11.36
N ASP B 95 9.19 33.81 10.43
CA ASP B 95 7.91 34.54 10.48
C ASP B 95 6.71 33.62 10.27
N THR B 96 6.82 32.70 9.31
CA THR B 96 5.79 31.69 9.09
C THR B 96 5.68 30.73 10.28
N ILE B 97 6.82 30.36 10.85
CA ILE B 97 6.83 29.57 12.07
C ILE B 97 6.03 30.26 13.20
N LYS B 98 6.29 31.56 13.40
CA LYS B 98 5.57 32.27 14.43
C LYS B 98 4.08 32.34 14.08
N ARG B 99 3.80 32.52 12.82
CA ARG B 99 2.43 32.56 12.41
C ARG B 99 1.64 31.29 12.66
N ASP B 100 2.20 30.13 12.31
CA ASP B 100 1.47 28.87 12.36
C ASP B 100 1.61 28.10 13.70
N PHE B 101 2.71 28.33 14.43
CA PHE B 101 2.95 27.63 15.69
C PHE B 101 3.16 28.53 16.90
N GLY B 102 3.03 29.84 16.72
CA GLY B 102 3.24 30.82 17.81
C GLY B 102 4.71 31.18 18.00
N SER B 103 5.55 30.16 18.20
CA SER B 103 7.00 30.35 18.28
C SER B 103 7.76 29.10 17.82
N LEU B 104 9.05 29.25 17.59
CA LEU B 104 9.94 28.12 17.31
C LEU B 104 9.94 27.12 18.46
N ASP B 105 10.02 27.61 19.70
CA ASP B 105 10.00 26.69 20.85
C ASP B 105 8.72 25.86 20.88
N ASN B 106 7.59 26.47 20.53
CA ASN B 106 6.33 25.74 20.47
C ASN B 106 6.37 24.66 19.38
N LEU B 107 6.88 25.05 18.20
CA LEU B 107 7.03 24.11 17.09
C LEU B 107 7.88 22.94 17.52
N GLN B 108 9.02 23.22 18.16
CA GLN B 108 9.90 22.15 18.60
C GLN B 108 9.24 21.22 19.58
N LYS B 109 8.51 21.77 20.55
CA LYS B 109 7.84 20.95 21.52
C LYS B 109 6.78 20.10 20.84
N ARG B 110 5.98 20.73 19.98
CA ARG B 110 4.87 20.02 19.34
C ARG B 110 5.36 18.91 18.43
N LEU B 111 6.40 19.17 17.64
CA LEU B 111 6.94 18.12 16.75
C LEU B 111 7.62 17.03 17.58
N SER B 112 8.40 17.43 18.58
CA SER B 112 9.05 16.46 19.46
C SER B 112 8.05 15.49 20.12
N ASP B 113 6.93 16.04 20.61
CA ASP B 113 5.91 15.24 21.29
C ASP B 113 5.33 14.16 20.35
N ILE B 114 4.90 14.53 19.15
CA ILE B 114 4.30 13.53 18.27
C ILE B 114 5.35 12.50 17.82
N THR B 115 6.59 12.94 17.65
CA THR B 115 7.67 12.08 17.20
C THR B 115 7.99 11.06 18.28
N ILE B 116 8.08 11.53 19.53
CA ILE B 116 8.30 10.64 20.66
C ILE B 116 7.19 9.58 20.82
N ALA B 117 5.95 9.98 20.49
CA ALA B 117 4.77 9.12 20.66
C ALA B 117 4.63 8.03 19.58
N VAL B 118 5.47 8.05 18.55
CA VAL B 118 5.38 7.00 17.50
C VAL B 118 5.50 5.59 18.10
N GLN B 119 4.53 4.74 17.76
CA GLN B 119 4.48 3.39 18.23
C GLN B 119 5.10 2.49 17.17
N GLY B 120 6.28 1.93 17.46
CA GLY B 120 7.02 1.20 16.45
C GLY B 120 8.03 2.08 15.76
N SER B 121 8.34 1.72 14.52
CA SER B 121 9.29 2.44 13.72
C SER B 121 8.63 3.58 12.96
N GLY B 122 9.34 4.70 12.80
CA GLY B 122 8.85 5.76 11.93
C GLY B 122 9.64 7.03 11.99
N TRP B 123 8.98 8.11 11.60
CA TRP B 123 9.56 9.44 11.40
C TRP B 123 8.61 10.53 11.86
N GLY B 124 9.16 11.64 12.33
CA GLY B 124 8.40 12.89 12.49
C GLY B 124 8.86 13.92 11.47
N TRP B 125 7.93 14.77 11.02
CA TRP B 125 8.16 15.75 9.98
C TRP B 125 7.57 17.12 10.26
N LEU B 126 8.36 18.14 9.93
CA LEU B 126 7.88 19.48 9.60
C LEU B 126 7.75 19.58 8.10
N GLY B 127 6.56 19.93 7.61
CA GLY B 127 6.33 20.16 6.17
C GLY B 127 5.60 21.45 5.84
N TYR B 128 5.50 21.76 4.54
CA TYR B 128 4.75 22.93 4.07
C TYR B 128 3.67 22.48 3.12
N CSO B 129 2.42 22.82 3.45
CA CSO B 129 1.28 22.49 2.61
CB CSO B 129 0.08 22.23 3.53
SG CSO B 129 -1.40 21.94 2.62
C CSO B 129 1.06 23.65 1.68
O CSO B 129 0.73 24.74 2.11
OD CSO B 129 -1.15 20.40 1.87
N LYS B 130 1.31 23.42 0.39
CA LYS B 130 1.22 24.47 -0.64
C LYS B 130 -0.22 24.97 -0.84
N LYS B 131 -1.18 24.04 -0.73
CA LYS B 131 -2.61 24.32 -0.94
C LYS B 131 -3.16 25.32 0.07
N ASP B 132 -2.90 25.05 1.35
CA ASP B 132 -3.38 25.90 2.43
C ASP B 132 -2.37 27.03 2.73
N LYS B 133 -1.20 26.95 2.12
CA LYS B 133 -0.10 27.89 2.38
C LYS B 133 0.19 27.96 3.87
N ILE B 134 0.34 26.80 4.49
CA ILE B 134 0.72 26.74 5.91
C ILE B 134 1.71 25.64 6.20
N LEU B 135 2.47 25.86 7.27
CA LEU B 135 3.32 24.83 7.83
C LEU B 135 2.47 23.85 8.64
N LYS B 136 2.84 22.57 8.56
CA LYS B 136 2.19 21.51 9.30
C LYS B 136 3.23 20.53 9.88
N ILE B 137 2.83 19.79 10.91
CA ILE B 137 3.64 18.68 11.42
C ILE B 137 2.87 17.36 11.35
N ALA B 138 3.61 16.27 11.17
CA ALA B 138 3.05 14.93 10.95
C ALA B 138 4.04 13.86 11.32
N THR B 139 3.54 12.64 11.51
CA THR B 139 4.41 11.47 11.64
C THR B 139 4.11 10.51 10.52
N CYS B 140 5.11 9.68 10.21
CA CYS B 140 4.95 8.56 9.26
C CYS B 140 5.41 7.25 9.87
N ALA B 141 4.71 6.15 9.54
CA ALA B 141 5.09 4.79 9.95
C ALA B 141 6.19 4.22 9.05
N ASN B 142 7.05 3.40 9.65
CA ASN B 142 8.07 2.68 8.93
C ASN B 142 8.88 3.61 8.00
N GLN B 143 8.90 3.36 6.69
CA GLN B 143 9.55 4.28 5.75
C GLN B 143 8.56 4.99 4.82
N ASP B 144 7.30 5.05 5.21
CA ASP B 144 6.28 5.72 4.39
C ASP B 144 6.74 7.15 4.14
N PRO B 145 6.80 7.60 2.88
CA PRO B 145 7.21 8.99 2.71
C PRO B 145 6.12 9.97 3.12
N LEU B 146 6.53 11.17 3.52
CA LEU B 146 5.57 12.19 3.86
C LEU B 146 4.78 12.56 2.61
N GLU B 147 3.46 12.54 2.73
CA GLU B 147 2.58 12.84 1.60
C GLU B 147 1.71 14.05 1.95
N GLY B 148 1.24 14.72 0.90
CA GLY B 148 0.31 15.83 1.02
C GLY B 148 0.90 17.18 1.39
N MET B 149 2.20 17.19 1.71
CA MET B 149 2.92 18.41 2.06
C MET B 149 4.36 18.21 1.65
N VAL B 150 5.09 19.32 1.52
CA VAL B 150 6.48 19.28 1.08
C VAL B 150 7.34 19.08 2.32
N PRO B 151 8.22 18.06 2.33
CA PRO B 151 9.03 17.87 3.55
C PRO B 151 10.10 18.97 3.75
N LEU B 152 10.21 19.48 4.97
CA LEU B 152 11.24 20.47 5.31
C LEU B 152 12.31 19.89 6.26
N PHE B 153 11.86 19.29 7.37
CA PHE B 153 12.79 18.71 8.39
C PHE B 153 12.20 17.40 8.94
N GLY B 154 13.03 16.35 8.94
CA GLY B 154 12.62 15.02 9.34
C GLY B 154 13.43 14.53 10.52
N ILE B 155 12.78 13.82 11.43
CA ILE B 155 13.44 13.14 12.54
C ILE B 155 13.16 11.63 12.49
N ASP B 156 14.22 10.86 12.30
CA ASP B 156 14.15 9.41 12.21
C ASP B 156 14.08 8.84 13.63
N VAL B 157 12.99 8.17 13.96
CA VAL B 157 12.86 7.51 15.27
C VAL B 157 12.75 5.99 15.22
N TRP B 158 13.23 5.39 14.13
CA TRP B 158 13.56 3.99 14.20
C TRP B 158 14.60 3.80 15.30
N GLU B 159 14.53 2.67 16.00
CA GLU B 159 15.47 2.41 17.12
C GLU B 159 16.91 2.41 16.63
N HIS B 160 17.15 2.05 15.37
CA HIS B 160 18.53 2.15 14.80
C HIS B 160 19.13 3.58 14.76
N ALA B 161 18.26 4.59 14.78
CA ALA B 161 18.70 5.97 14.73
C ALA B 161 19.26 6.46 16.10
N TYR B 162 18.99 5.72 17.19
CA TYR B 162 19.42 6.13 18.53
C TYR B 162 19.84 5.06 19.58
N TYR B 163 19.44 3.79 19.45
CA TYR B 163 19.58 2.80 20.55
C TYR B 163 21.02 2.60 21.04
N LEU B 164 21.97 2.65 20.12
CA LEU B 164 23.36 2.45 20.51
C LEU B 164 23.84 3.49 21.51
N GLN B 165 23.38 4.73 21.33
CA GLN B 165 23.83 5.85 22.15
C GLN B 165 22.86 6.13 23.31
N TYR B 166 21.58 6.18 23.01
CA TYR B 166 20.54 6.54 23.98
C TYR B 166 19.85 5.35 24.66
N LYS B 167 20.07 4.14 24.15
CA LYS B 167 19.37 2.94 24.64
C LYS B 167 17.86 3.18 24.45
N ASN B 168 17.07 2.80 25.46
CA ASN B 168 15.62 2.99 25.44
C ASN B 168 15.15 4.44 25.49
N VAL B 169 16.04 5.38 25.84
CA VAL B 169 15.62 6.75 26.17
C VAL B 169 15.48 7.61 24.90
N ARG B 170 14.47 7.28 24.08
CA ARG B 170 14.13 8.07 22.87
C ARG B 170 13.91 9.58 23.11
N PRO B 171 13.26 9.98 24.22
CA PRO B 171 13.06 11.42 24.30
C PRO B 171 14.36 12.26 24.36
N ASP B 172 15.42 11.70 24.92
CA ASP B 172 16.71 12.42 24.98
C ASP B 172 17.21 12.69 23.56
N TYR B 173 17.11 11.66 22.73
CA TYR B 173 17.50 11.77 21.33
C TYR B 173 16.66 12.81 20.58
N VAL B 174 15.34 12.73 20.70
CA VAL B 174 14.48 13.64 19.95
C VAL B 174 14.66 15.10 20.39
N HIS B 175 14.79 15.33 21.69
CA HIS B 175 15.07 16.68 22.20
C HIS B 175 16.45 17.17 21.73
N ALA B 176 17.45 16.30 21.83
CA ALA B 176 18.82 16.67 21.46
C ALA B 176 18.99 17.02 19.95
N ILE B 177 18.27 16.33 19.08
CA ILE B 177 18.51 16.47 17.64
C ILE B 177 18.31 17.89 17.15
N TRP B 178 17.48 18.65 17.84
CA TRP B 178 17.27 20.04 17.51
C TRP B 178 18.57 20.91 17.51
N LYS B 179 19.58 20.46 18.25
CA LYS B 179 20.87 21.15 18.28
C LYS B 179 21.64 21.04 16.97
N ILE B 180 21.27 20.07 16.14
CA ILE B 180 21.92 19.87 14.82
C ILE B 180 20.96 19.96 13.62
N ALA B 181 19.78 20.55 13.82
CA ALA B 181 18.92 20.84 12.69
C ALA B 181 19.61 21.83 11.75
N ASN B 182 19.73 21.46 10.47
CA ASN B 182 20.34 22.31 9.46
C ASN B 182 19.36 23.35 8.89
N TRP B 183 19.21 24.46 9.60
CA TRP B 183 18.22 25.49 9.24
C TRP B 183 18.47 26.15 7.89
N LYS B 184 19.72 26.11 7.44
CA LYS B 184 20.06 26.63 6.12
C LYS B 184 19.36 25.77 5.06
N ASN B 185 19.49 24.46 5.20
CA ASN B 185 18.81 23.54 4.27
C ASN B 185 17.29 23.65 4.37
N ILE B 186 16.80 23.78 5.59
CA ILE B 186 15.36 23.82 5.81
C ILE B 186 14.75 25.09 5.21
N SER B 187 15.43 26.23 5.34
CA SER B 187 14.92 27.47 4.78
C SER B 187 14.93 27.41 3.24
N GLU B 188 15.97 26.81 2.68
CA GLU B 188 16.07 26.57 1.23
C GLU B 188 14.86 25.77 0.76
N ARG B 189 14.57 24.68 1.45
CA ARG B 189 13.46 23.79 1.10
C ARG B 189 12.12 24.52 1.23
N PHE B 190 12.03 25.35 2.28
CA PHE B 190 10.87 26.23 2.46
C PHE B 190 10.75 27.23 1.31
N ALA B 191 11.85 27.88 0.98
CA ALA B 191 11.85 28.84 -0.13
C ALA B 191 11.38 28.18 -1.42
N ASN B 192 11.92 26.98 -1.69
CA ASN B 192 11.57 26.21 -2.89
C ASN B 192 10.11 25.82 -2.88
N ALA B 193 9.58 25.55 -1.70
CA ALA B 193 8.18 25.14 -1.54
C ALA B 193 7.22 26.31 -1.80
N ARG B 194 7.70 27.53 -1.58
CA ARG B 194 6.91 28.74 -1.83
C ARG B 194 7.27 29.43 -3.15
MN MN C . -18.04 -5.31 -7.54
S SO4 D . -6.57 -7.11 -20.08
O1 SO4 D . -6.80 -8.57 -20.12
O2 SO4 D . -6.14 -6.77 -18.70
O3 SO4 D . -5.49 -6.70 -21.01
O4 SO4 D . -7.82 -6.39 -20.43
S SO4 E . -17.99 -22.38 -18.77
O1 SO4 E . -19.14 -23.31 -18.64
O2 SO4 E . -17.42 -22.05 -17.44
O3 SO4 E . -16.98 -23.06 -19.62
O4 SO4 E . -18.43 -21.13 -19.44
S SO4 F . -27.27 -17.15 9.66
O1 SO4 F . -28.67 -17.55 9.85
O2 SO4 F . -26.71 -16.71 10.97
O3 SO4 F . -26.46 -18.27 9.16
O4 SO4 F . -27.22 -16.03 8.68
S SO4 G . -27.20 -3.92 -23.35
O1 SO4 G . -27.99 -4.99 -23.93
O2 SO4 G . -27.25 -4.09 -21.92
O3 SO4 G . -25.82 -4.03 -23.82
O4 SO4 G . -27.72 -2.62 -23.71
MN MN H . 16.88 5.28 9.56
S SO4 I . 19.11 8.82 -6.86
O1 SO4 I . 17.82 8.34 -6.33
O2 SO4 I . 20.22 7.92 -6.44
O3 SO4 I . 19.36 10.17 -6.30
O4 SO4 I . 19.04 8.89 -8.33
S SO4 J . 26.35 -6.45 6.76
O1 SO4 J . 26.12 -7.92 6.83
O2 SO4 J . 26.97 -6.00 8.01
O3 SO4 J . 27.20 -6.11 5.59
O4 SO4 J . 25.04 -5.79 6.59
S SO4 K . 5.09 -15.29 -16.87
O1 SO4 K . 4.58 -16.66 -16.72
O2 SO4 K . 5.06 -14.59 -15.57
O3 SO4 K . 6.49 -15.30 -17.35
O4 SO4 K . 4.27 -14.52 -17.82
#